data_2G5L
#
_entry.id   2G5L
#
_cell.length_a   80.488
_cell.length_b   81.563
_cell.length_c   85.749
_cell.angle_alpha   90.00
_cell.angle_beta   90.00
_cell.angle_gamma   90.00
#
_symmetry.space_group_name_H-M   'C 2 2 21'
#
loop_
_entity.id
_entity.type
_entity.pdbx_description
1 polymer Streptavidin
2 polymer (FME)(ASP)(VAL)(GLU)(ALA)(TRP)(LEU)
3 non-polymer 'SULFATE ION'
4 non-polymer GLYCEROL
5 water water
#
loop_
_entity_poly.entity_id
_entity_poly.type
_entity_poly.pdbx_seq_one_letter_code
_entity_poly.pdbx_strand_id
1 'polypeptide(L)'
;AEAGITGTWYNQLGSTFIVTAGADGALTGTYESAVGNAESRYVLTGRYDSAPATDGSGTALGWTVAWKNNYRNAHSATTW
SGQYVGGAEARINTQWLLTSGTTEANAWKSTLVGHDTFTKVKPSAAS
;
A,B
2 'polypeptide(L)' (FME)DVEAWL X,Y
#
loop_
_chem_comp.id
_chem_comp.type
_chem_comp.name
_chem_comp.formula
GOL non-polymer GLYCEROL 'C3 H8 O3'
SO4 non-polymer 'SULFATE ION' 'O4 S -2'
#
# COMPACT_ATOMS: atom_id res chain seq x y z
N ALA A 3 -14.71 -12.79 9.86
CA ALA A 3 -13.71 -12.08 9.00
C ALA A 3 -12.37 -11.97 9.72
N GLY A 4 -11.51 -12.96 9.44
CA GLY A 4 -10.24 -13.14 10.13
C GLY A 4 -9.19 -12.06 9.93
N ILE A 5 -9.36 -11.22 8.90
CA ILE A 5 -8.44 -10.09 8.71
C ILE A 5 -8.67 -9.01 9.75
N THR A 6 -9.93 -8.77 10.11
CA THR A 6 -10.25 -7.67 11.02
C THR A 6 -9.62 -7.87 12.40
N GLY A 7 -8.88 -6.86 12.85
CA GLY A 7 -8.29 -6.89 14.18
C GLY A 7 -6.90 -6.26 14.16
N THR A 8 -6.17 -6.52 15.24
CA THR A 8 -4.85 -5.96 15.45
C THR A 8 -3.78 -6.92 15.00
N TRP A 9 -2.82 -6.38 14.24
CA TRP A 9 -1.72 -7.15 13.69
C TRP A 9 -0.41 -6.52 14.11
N TYR A 10 0.59 -7.36 14.37
CA TYR A 10 1.91 -6.93 14.84
C TYR A 10 3.03 -7.55 14.03
N ASN A 11 4.17 -6.84 13.92
N ASN A 11 3.75 -6.36 13.19
CA ASN A 11 5.49 -7.47 13.57
CA ASN A 11 4.89 -7.03 12.52
C ASN A 11 6.46 -7.66 14.76
C ASN A 11 5.93 -7.51 13.54
N GLN A 12 7.63 -8.24 14.52
N GLN A 12 7.01 -8.08 13.04
CA GLN A 12 8.62 -8.52 15.59
CA GLN A 12 7.96 -8.67 13.95
C GLN A 12 9.50 -7.30 15.78
C GLN A 12 8.90 -7.64 14.60
N LEU A 13 9.25 -6.32 14.93
N LEU A 13 8.67 -6.36 14.34
CA LEU A 13 9.69 -4.99 15.23
CA LEU A 13 9.56 -5.29 14.84
C LEU A 13 8.53 -4.45 16.07
C LEU A 13 9.01 -4.23 15.83
N GLY A 14 7.39 -5.14 16.05
N GLY A 14 7.80 -4.41 16.35
CA GLY A 14 6.29 -4.78 16.95
CA GLY A 14 7.23 -3.42 17.28
C GLY A 14 5.40 -3.64 16.49
C GLY A 14 6.19 -2.53 16.63
N SER A 15 5.59 -3.18 15.28
N SER A 15 5.77 -2.81 15.40
CA SER A 15 4.67 -2.22 14.72
CA SER A 15 4.73 -2.07 14.72
C SER A 15 3.35 -2.74 15.11
C SER A 15 3.33 -2.75 14.71
N THR A 16 2.30 -1.87 15.10
CA THR A 16 0.94 -2.27 15.38
C THR A 16 0.00 -1.65 14.35
N PHE A 17 -0.83 -2.50 13.75
CA PHE A 17 -1.83 -2.06 12.77
C PHE A 17 -3.16 -2.61 13.20
N ILE A 18 -4.16 -1.76 13.22
N ILE A 18 -4.31 -1.44 13.25
CA ILE A 18 -5.52 -2.27 13.43
CA ILE A 18 -5.62 -1.99 13.57
C ILE A 18 -6.24 -2.12 12.10
C ILE A 18 -6.46 -1.84 12.34
N VAL A 19 -6.76 -3.25 11.62
CA VAL A 19 -7.28 -3.34 10.28
C VAL A 19 -8.74 -3.77 10.39
N THR A 20 -9.61 -3.11 9.64
CA THR A 20 -10.98 -3.55 9.46
C THR A 20 -11.19 -3.92 8.00
N ALA A 21 -11.66 -5.15 7.77
CA ALA A 21 -11.96 -5.64 6.44
C ALA A 21 -13.46 -5.54 6.24
N GLY A 22 -13.86 -4.75 5.26
CA GLY A 22 -15.26 -4.57 4.91
C GLY A 22 -15.71 -5.66 3.98
N ALA A 23 -17.03 -5.84 3.92
CA ALA A 23 -17.64 -6.98 3.25
C ALA A 23 -17.23 -7.22 1.80
N ASP A 24 -17.03 -6.15 1.03
CA ASP A 24 -16.75 -6.33 -0.39
C ASP A 24 -15.35 -5.92 -0.84
N GLY A 25 -14.44 -5.76 0.11
CA GLY A 25 -13.05 -5.60 -0.27
C GLY A 25 -12.27 -4.44 0.29
N ALA A 26 -12.90 -3.56 1.07
CA ALA A 26 -12.21 -2.42 1.65
C ALA A 26 -11.37 -2.83 2.88
N LEU A 27 -10.15 -2.29 2.96
CA LEU A 27 -9.38 -2.30 4.19
C LEU A 27 -9.25 -0.88 4.66
N THR A 28 -9.50 -0.68 5.94
N THR A 28 -9.66 -0.72 6.09
CA THR A 28 -9.31 0.62 6.59
CA THR A 28 -9.51 0.61 6.64
C THR A 28 -8.66 0.37 7.95
C THR A 28 -8.95 0.37 8.01
N GLY A 29 -8.19 1.44 8.58
CA GLY A 29 -7.69 1.32 9.93
C GLY A 29 -6.57 2.28 10.16
N THR A 30 -5.65 1.90 11.04
CA THR A 30 -4.58 2.78 11.46
C THR A 30 -3.31 2.02 11.78
N TYR A 31 -2.19 2.71 11.62
CA TYR A 31 -0.98 2.39 12.37
C TYR A 31 -1.09 3.04 13.75
N GLU A 32 -0.70 2.30 14.79
CA GLU A 32 -0.68 2.80 16.17
C GLU A 32 0.71 2.65 16.75
N SER A 33 1.19 3.68 17.46
CA SER A 33 2.48 3.54 18.14
C SER A 33 2.37 2.61 19.35
N ALA A 34 3.52 2.20 19.89
CA ALA A 34 3.56 1.40 21.12
C ALA A 34 2.74 2.08 22.22
N VAL A 35 2.75 3.40 22.22
CA VAL A 35 2.00 4.20 23.19
C VAL A 35 0.52 4.31 22.81
N GLY A 36 0.24 4.44 21.51
CA GLY A 36 -1.14 4.44 21.01
C GLY A 36 -1.84 5.79 20.98
N ASN A 37 -1.07 6.87 21.04
CA ASN A 37 -1.63 8.23 21.01
C ASN A 37 -1.87 8.76 19.60
N ALA A 38 -2.67 9.81 19.49
CA ALA A 38 -3.03 10.39 18.19
C ALA A 38 -1.83 10.94 17.42
N GLU A 39 -0.81 11.38 18.16
CA GLU A 39 0.34 12.05 17.55
C GLU A 39 1.19 11.08 16.74
N SER A 40 1.09 9.78 17.03
CA SER A 40 1.81 8.76 16.25
C SER A 40 0.88 7.79 15.51
N ARG A 41 -0.37 8.20 15.33
CA ARG A 41 -1.39 7.42 14.64
C ARG A 41 -1.51 7.88 13.19
N TYR A 42 -1.58 6.92 12.26
CA TYR A 42 -1.66 7.24 10.83
C TYR A 42 -2.72 6.39 10.16
N VAL A 43 -3.40 6.96 9.18
CA VAL A 43 -4.46 6.26 8.46
C VAL A 43 -3.91 5.21 7.51
N LEU A 44 -4.56 4.05 7.51
CA LEU A 44 -4.28 2.97 6.58
C LEU A 44 -5.51 2.72 5.74
N THR A 45 -5.30 2.46 4.46
N THR A 45 -5.27 2.74 4.18
CA THR A 45 -6.39 2.10 3.56
CA THR A 45 -6.38 2.28 3.37
C THR A 45 -5.87 1.12 2.52
C THR A 45 -5.80 1.30 2.38
N GLY A 46 -6.72 0.20 2.08
CA GLY A 46 -6.28 -0.76 1.09
C GLY A 46 -7.46 -1.58 0.61
N ARG A 47 -7.14 -2.71 -0.01
CA ARG A 47 -8.14 -3.58 -0.61
C ARG A 47 -7.72 -5.02 -0.39
N TYR A 48 -8.70 -5.91 -0.40
CA TYR A 48 -8.42 -7.34 -0.34
C TYR A 48 -9.41 -8.09 -1.23
N ASP A 49 -9.03 -9.29 -1.62
CA ASP A 49 -9.92 -10.20 -2.35
C ASP A 49 -11.01 -10.73 -1.40
N SER A 50 -12.25 -10.29 -1.61
CA SER A 50 -13.33 -10.70 -0.74
C SER A 50 -13.95 -12.06 -1.11
N ALA A 51 -13.45 -12.70 -2.17
CA ALA A 51 -13.89 -14.05 -2.53
C ALA A 51 -12.69 -14.93 -2.91
N PRO A 52 -11.78 -15.16 -1.94
CA PRO A 52 -10.60 -15.97 -2.19
C PRO A 52 -10.98 -17.43 -2.37
N ALA A 53 -10.07 -18.19 -2.96
CA ALA A 53 -10.25 -19.64 -3.02
C ALA A 53 -10.39 -20.20 -1.61
N THR A 54 -11.31 -21.14 -1.42
CA THR A 54 -11.62 -21.63 -0.08
C THR A 54 -11.03 -23.02 0.17
N ASP A 55 -9.85 -23.27 -0.37
CA ASP A 55 -9.18 -24.56 -0.29
C ASP A 55 -7.91 -24.51 0.59
N GLY A 56 -7.80 -23.45 1.39
CA GLY A 56 -6.61 -23.23 2.23
C GLY A 56 -5.64 -22.18 1.67
N SER A 57 -5.89 -21.72 0.45
CA SER A 57 -5.08 -20.66 -0.17
C SER A 57 -5.22 -19.36 0.56
N GLY A 58 -4.23 -18.50 0.39
CA GLY A 58 -4.26 -17.22 1.03
C GLY A 58 -5.18 -16.24 0.35
N THR A 59 -5.42 -15.13 1.05
CA THR A 59 -6.24 -14.05 0.58
C THR A 59 -5.35 -12.87 0.18
N ALA A 60 -5.37 -12.51 -1.09
CA ALA A 60 -4.52 -11.43 -1.59
C ALA A 60 -5.00 -10.08 -1.06
N LEU A 61 -4.07 -9.20 -0.74
CA LEU A 61 -4.41 -7.91 -0.18
C LEU A 61 -3.28 -6.92 -0.37
N GLY A 62 -3.57 -5.65 -0.10
CA GLY A 62 -2.56 -4.62 -0.05
C GLY A 62 -3.09 -3.42 0.71
N TRP A 63 -2.21 -2.62 1.28
CA TRP A 63 -2.62 -1.35 1.89
C TRP A 63 -1.49 -0.35 1.85
N THR A 64 -1.86 0.91 2.10
CA THR A 64 -0.95 2.03 2.11
C THR A 64 -1.13 2.82 3.39
N VAL A 65 0.00 3.31 3.93
CA VAL A 65 0.02 4.37 4.92
C VAL A 65 0.90 5.49 4.41
N ALA A 66 0.35 6.71 4.31
CA ALA A 66 1.15 7.91 4.13
C ALA A 66 1.50 8.47 5.51
N TRP A 67 2.78 8.78 5.69
CA TRP A 67 3.30 9.11 7.02
C TRP A 67 3.12 10.59 7.37
N LYS A 68 1.88 11.06 7.17
CA LYS A 68 1.46 12.40 7.61
C LYS A 68 0.22 12.24 8.47
N ASN A 69 0.19 12.94 9.59
CA ASN A 69 -1.03 13.10 10.35
C ASN A 69 -1.15 14.58 10.72
N ASN A 70 -1.91 14.90 11.76
CA ASN A 70 -2.16 16.30 12.11
C ASN A 70 -1.00 16.95 12.85
N TYR A 71 0.08 16.21 13.06
CA TYR A 71 1.18 16.65 13.91
C TYR A 71 2.54 16.44 13.30
N ARG A 72 2.68 15.44 12.44
CA ARG A 72 3.97 15.06 11.90
C ARG A 72 3.86 14.73 10.43
N ASN A 73 4.96 14.91 9.71
CA ASN A 73 4.99 14.55 8.31
C ASN A 73 6.37 14.09 7.93
N ALA A 74 6.48 12.81 7.59
CA ALA A 74 7.74 12.22 7.18
C ALA A 74 7.88 12.18 5.66
N HIS A 75 6.98 12.86 4.94
CA HIS A 75 7.06 12.98 3.48
C HIS A 75 7.39 11.65 2.81
N SER A 76 6.56 10.66 3.11
CA SER A 76 6.81 9.30 2.65
C SER A 76 5.55 8.49 2.80
N ALA A 77 5.52 7.33 2.15
CA ALA A 77 4.38 6.43 2.23
C ALA A 77 4.86 5.02 2.01
N THR A 78 4.26 4.07 2.73
CA THR A 78 4.60 2.65 2.57
C THR A 78 3.39 1.91 2.06
N THR A 79 3.64 1.01 1.11
CA THR A 79 2.63 0.03 0.71
C THR A 79 3.10 -1.35 1.13
N TRP A 80 2.15 -2.15 1.62
CA TRP A 80 2.37 -3.56 1.91
C TRP A 80 1.51 -4.38 0.96
N SER A 81 2.13 -5.41 0.37
CA SER A 81 1.47 -6.33 -0.55
C SER A 81 1.66 -7.74 -0.06
N GLY A 82 0.60 -8.51 0.06
CA GLY A 82 0.78 -9.86 0.56
C GLY A 82 -0.50 -10.65 0.65
N GLN A 83 -0.45 -11.68 1.49
CA GLN A 83 -1.55 -12.64 1.67
C GLN A 83 -1.87 -12.81 3.13
N TYR A 84 -3.16 -12.84 3.45
CA TYR A 84 -3.67 -13.30 4.73
C TYR A 84 -3.86 -14.81 4.69
N VAL A 85 -3.38 -15.48 5.73
CA VAL A 85 -3.59 -16.92 5.93
C VAL A 85 -4.19 -17.09 7.33
N GLY A 86 -5.34 -17.76 7.41
CA GLY A 86 -6.04 -17.91 8.69
C GLY A 86 -5.56 -19.07 9.53
N GLY A 87 -6.36 -19.42 10.53
CA GLY A 87 -6.05 -20.55 11.41
C GLY A 87 -5.48 -20.14 12.74
N ALA A 88 -5.05 -21.14 13.52
CA ALA A 88 -4.54 -20.93 14.87
C ALA A 88 -3.30 -20.03 14.92
N GLU A 89 -2.51 -20.09 13.84
CA GLU A 89 -1.28 -19.31 13.68
C GLU A 89 -1.45 -18.38 12.47
N ALA A 90 -2.51 -17.60 12.51
CA ALA A 90 -2.84 -16.70 11.42
C ALA A 90 -1.68 -15.74 11.12
N ARG A 91 -1.53 -15.38 9.86
CA ARG A 91 -0.47 -14.47 9.45
C ARG A 91 -0.94 -13.56 8.34
N ILE A 92 -0.31 -12.40 8.24
CA ILE A 92 -0.33 -11.66 6.97
C ILE A 92 1.13 -11.57 6.54
N ASN A 93 1.45 -12.23 5.42
CA ASN A 93 2.80 -12.30 4.91
C ASN A 93 2.95 -11.29 3.79
N THR A 94 3.89 -10.36 3.93
CA THR A 94 3.95 -9.23 3.04
C THR A 94 5.36 -8.88 2.62
N GLN A 95 5.40 -8.04 1.59
N GLN A 95 5.42 -8.18 1.31
CA GLN A 95 6.57 -7.33 1.10
CA GLN A 95 6.55 -7.33 1.02
C GLN A 95 6.11 -5.87 1.13
C GLN A 95 6.06 -5.90 0.96
N TRP A 96 7.02 -4.93 1.35
CA TRP A 96 6.66 -3.53 1.41
C TRP A 96 7.61 -2.69 0.58
N LEU A 97 7.09 -1.54 0.15
CA LEU A 97 7.82 -0.51 -0.56
C LEU A 97 7.58 0.79 0.18
N LEU A 98 8.65 1.45 0.58
CA LEU A 98 8.59 2.72 1.31
C LEU A 98 9.20 3.78 0.41
N THR A 99 8.35 4.66 -0.14
CA THR A 99 8.84 5.72 -1.00
C THR A 99 8.82 7.03 -0.24
N SER A 100 9.96 7.71 -0.31
CA SER A 100 10.09 9.08 0.18
C SER A 100 9.97 10.08 -0.97
N GLY A 101 9.36 11.23 -0.70
CA GLY A 101 9.43 12.34 -1.65
C GLY A 101 10.87 12.78 -1.79
N THR A 102 11.38 12.84 -3.03
CA THR A 102 12.76 13.25 -3.27
C THR A 102 12.81 14.20 -4.46
N THR A 103 13.94 14.88 -4.60
CA THR A 103 14.17 15.67 -5.80
C THR A 103 14.31 14.71 -6.96
N GLU A 104 14.21 15.23 -8.20
CA GLU A 104 14.35 14.37 -9.36
C GLU A 104 15.74 13.72 -9.40
N ALA A 105 16.76 14.46 -8.96
CA ALA A 105 18.13 13.93 -8.93
C ALA A 105 18.29 12.76 -7.95
N ASN A 106 17.47 12.71 -6.92
CA ASN A 106 17.53 11.64 -5.93
C ASN A 106 16.41 10.60 -6.06
N ALA A 107 15.56 10.79 -7.08
CA ALA A 107 14.39 9.94 -7.28
C ALA A 107 14.78 8.49 -7.45
N TRP A 108 15.94 8.27 -8.05
CA TRP A 108 16.43 6.92 -8.28
C TRP A 108 16.59 6.12 -6.97
N LYS A 109 16.85 6.81 -5.85
CA LYS A 109 17.02 6.20 -4.51
C LYS A 109 15.88 6.53 -3.54
N SER A 110 14.69 6.70 -4.09
CA SER A 110 13.55 7.08 -3.27
C SER A 110 12.79 5.93 -2.60
N THR A 111 13.06 4.68 -2.98
CA THR A 111 12.19 3.57 -2.56
C THR A 111 12.97 2.45 -1.89
N LEU A 112 12.68 2.22 -0.62
CA LEU A 112 13.20 1.10 0.15
C LEU A 112 12.25 -0.09 0.02
N VAL A 113 12.81 -1.29 0.18
CA VAL A 113 12.03 -2.51 0.09
C VAL A 113 12.36 -3.44 1.24
N GLY A 114 11.37 -4.23 1.66
CA GLY A 114 11.62 -5.25 2.65
C GLY A 114 10.44 -6.19 2.77
N HIS A 115 10.50 -7.04 3.79
CA HIS A 115 9.40 -7.94 4.10
C HIS A 115 8.80 -7.61 5.46
N ASP A 116 7.56 -8.04 5.68
CA ASP A 116 6.94 -7.94 7.00
C ASP A 116 6.06 -9.14 7.20
N THR A 117 6.23 -9.80 8.35
CA THR A 117 5.36 -10.88 8.75
C THR A 117 4.52 -10.38 9.91
N PHE A 118 3.21 -10.36 9.72
CA PHE A 118 2.27 -9.94 10.74
C PHE A 118 1.61 -11.13 11.40
N THR A 119 1.41 -11.00 12.70
N THR A 119 1.67 -10.99 12.90
CA THR A 119 0.77 -12.03 13.51
CA THR A 119 1.06 -11.95 13.77
C THR A 119 -0.26 -11.36 14.43
C THR A 119 0.01 -11.24 14.57
N LYS A 120 -1.17 -12.14 14.98
CA LYS A 120 -2.15 -11.58 15.91
C LYS A 120 -1.65 -11.48 17.34
N VAL A 121 -0.50 -12.08 17.61
CA VAL A 121 0.03 -12.21 18.96
C VAL A 121 1.04 -11.12 19.13
N LYS A 122 0.80 -10.23 20.09
CA LYS A 122 1.73 -9.18 20.42
C LYS A 122 3.02 -9.79 20.97
N PRO A 123 4.15 -9.45 20.35
CA PRO A 123 5.45 -9.90 20.84
C PRO A 123 5.95 -8.98 21.95
N GLY B 4 -2.72 18.63 -8.03
CA GLY B 4 -2.08 18.09 -9.27
C GLY B 4 -2.34 16.62 -9.49
N ILE B 5 -2.70 15.90 -8.42
CA ILE B 5 -2.90 14.45 -8.51
C ILE B 5 -4.27 14.08 -9.08
N THR B 6 -5.31 14.79 -8.67
CA THR B 6 -6.65 14.45 -9.12
C THR B 6 -6.73 14.48 -10.64
N GLY B 7 -7.26 13.40 -11.21
CA GLY B 7 -7.46 13.33 -12.64
C GLY B 7 -7.21 11.94 -13.16
N THR B 8 -7.13 11.88 -14.48
CA THR B 8 -6.90 10.64 -15.18
C THR B 8 -5.41 10.53 -15.52
N TRP B 9 -4.86 9.33 -15.26
CA TRP B 9 -3.47 9.03 -15.53
C TRP B 9 -3.36 7.79 -16.40
N TYR B 10 -2.33 7.76 -17.24
CA TYR B 10 -2.12 6.66 -18.18
C TYR B 10 -0.75 6.06 -17.93
N ASN B 11 -0.67 4.74 -17.78
CA ASN B 11 0.66 4.15 -17.72
C ASN B 11 1.19 3.96 -19.14
N GLN B 12 2.36 3.38 -19.28
CA GLN B 12 2.98 3.33 -20.60
C GLN B 12 2.60 2.08 -21.41
N LEU B 13 1.62 1.33 -20.91
CA LEU B 13 1.25 0.03 -21.49
C LEU B 13 -0.26 -0.11 -21.76
N GLY B 14 -0.98 1.01 -21.75
CA GLY B 14 -2.43 1.01 -21.96
C GLY B 14 -3.22 1.52 -20.76
N SER B 15 -2.89 0.99 -19.59
CA SER B 15 -3.71 1.18 -18.38
C SER B 15 -4.10 2.63 -18.07
N THR B 16 -5.27 2.78 -17.44
CA THR B 16 -5.87 4.07 -17.12
C THR B 16 -6.30 4.07 -15.65
N PHE B 17 -5.92 5.14 -14.95
CA PHE B 17 -6.02 5.29 -13.49
C PHE B 17 -6.81 6.59 -13.30
N ILE B 18 -8.05 6.52 -12.81
CA ILE B 18 -8.80 7.74 -12.48
C ILE B 18 -8.80 7.91 -10.98
N VAL B 19 -8.26 9.02 -10.52
CA VAL B 19 -8.05 9.20 -9.11
C VAL B 19 -8.53 10.55 -8.62
N THR B 20 -9.05 10.55 -7.40
CA THR B 20 -9.35 11.78 -6.72
C THR B 20 -8.48 11.83 -5.48
N ALA B 21 -7.76 12.93 -5.34
CA ALA B 21 -6.98 13.20 -4.14
C ALA B 21 -7.78 14.10 -3.19
N GLY B 22 -8.16 13.55 -2.05
CA GLY B 22 -8.90 14.28 -1.03
C GLY B 22 -7.98 15.21 -0.25
N ALA B 23 -8.57 16.23 0.35
CA ALA B 23 -7.83 17.28 1.03
C ALA B 23 -6.89 16.78 2.12
N ASP B 24 -7.30 15.70 2.79
CA ASP B 24 -6.57 15.19 3.95
C ASP B 24 -5.70 13.95 3.69
N GLY B 25 -5.54 13.57 2.43
CA GLY B 25 -4.62 12.48 2.10
C GLY B 25 -5.22 11.25 1.45
N ALA B 26 -6.53 11.22 1.25
CA ALA B 26 -7.15 10.05 0.65
C ALA B 26 -6.94 10.02 -0.86
N LEU B 27 -6.65 8.84 -1.39
CA LEU B 27 -6.78 8.57 -2.82
C LEU B 27 -7.92 7.58 -3.02
N THR B 28 -8.84 7.93 -3.92
CA THR B 28 -9.95 7.04 -4.28
C THR B 28 -10.09 7.07 -5.79
N GLY B 29 -10.67 6.04 -6.38
CA GLY B 29 -10.92 6.07 -7.82
C GLY B 29 -11.03 4.68 -8.38
N THR B 30 -10.68 4.55 -9.65
CA THR B 30 -10.83 3.28 -10.33
C THR B 30 -9.67 3.09 -11.27
N TYR B 31 -9.31 1.82 -11.49
CA TYR B 31 -8.19 1.48 -12.35
C TYR B 31 -8.69 0.60 -13.48
N TYR B 42 -11.81 -1.53 -11.77
CA TYR B 42 -11.62 -2.04 -10.42
C TYR B 42 -11.45 -0.86 -9.48
N VAL B 43 -11.89 -1.04 -8.24
CA VAL B 43 -11.74 -0.01 -7.21
C VAL B 43 -10.27 0.17 -6.80
N LEU B 44 -9.86 1.43 -6.66
CA LEU B 44 -8.54 1.76 -6.14
C LEU B 44 -8.70 2.65 -4.93
N THR B 45 -7.79 2.46 -3.98
N THR B 45 -7.90 2.11 -3.60
CA THR B 45 -7.75 3.28 -2.78
CA THR B 45 -7.85 3.10 -2.51
C THR B 45 -6.31 3.41 -2.31
C THR B 45 -6.41 3.19 -2.09
N GLY B 46 -5.96 4.55 -1.75
CA GLY B 46 -4.64 4.75 -1.24
C GLY B 46 -4.53 6.03 -0.46
N ARG B 47 -3.31 6.49 -0.31
CA ARG B 47 -2.99 7.65 0.51
C ARG B 47 -1.88 8.43 -0.17
N TYR B 48 -1.84 9.74 0.09
CA TYR B 48 -0.77 10.58 -0.40
C TYR B 48 -0.44 11.63 0.65
N ASP B 49 0.78 12.17 0.57
CA ASP B 49 1.21 13.29 1.40
C ASP B 49 0.52 14.58 0.95
N SER B 50 -0.41 15.06 1.76
CA SER B 50 -1.20 16.23 1.37
C SER B 50 -0.52 17.55 1.71
N ALA B 51 0.70 17.50 2.23
CA ALA B 51 1.48 18.72 2.48
C ALA B 51 2.94 18.43 2.16
N PRO B 52 3.24 18.23 0.87
CA PRO B 52 4.61 17.89 0.52
C PRO B 52 5.60 19.02 0.79
N ALA B 53 6.87 18.67 0.86
CA ALA B 53 7.92 19.67 0.98
C ALA B 53 7.95 20.59 -0.24
N THR B 54 8.46 21.81 -0.03
CA THR B 54 8.57 22.82 -1.09
C THR B 54 10.05 22.94 -1.50
N ASP B 55 10.77 21.84 -1.39
CA ASP B 55 12.21 21.81 -1.63
C ASP B 55 12.56 21.11 -2.93
N GLY B 56 11.58 20.93 -3.80
CA GLY B 56 11.77 20.25 -5.08
C GLY B 56 11.45 18.78 -5.01
N SER B 57 11.09 18.29 -3.81
CA SER B 57 10.73 16.90 -3.61
C SER B 57 9.38 16.59 -4.24
N GLY B 58 9.25 15.38 -4.74
CA GLY B 58 7.97 14.88 -5.16
C GLY B 58 7.04 14.64 -3.99
N THR B 59 5.82 14.22 -4.33
CA THR B 59 4.78 13.96 -3.35
C THR B 59 4.61 12.46 -3.21
N ALA B 60 4.96 11.92 -2.03
CA ALA B 60 4.88 10.48 -1.80
C ALA B 60 3.44 10.00 -1.77
N LEU B 61 3.24 8.80 -2.29
CA LEU B 61 1.90 8.25 -2.37
C LEU B 61 1.96 6.72 -2.53
N GLY B 62 0.80 6.10 -2.40
CA GLY B 62 0.64 4.69 -2.71
C GLY B 62 -0.82 4.37 -2.89
N TRP B 63 -1.11 3.30 -3.63
CA TRP B 63 -2.48 2.83 -3.72
C TRP B 63 -2.50 1.34 -3.99
N THR B 64 -3.67 0.75 -3.78
CA THR B 64 -3.91 -0.67 -4.01
C THR B 64 -5.13 -0.86 -4.89
N VAL B 65 -5.06 -1.86 -5.76
CA VAL B 65 -6.19 -2.41 -6.46
C VAL B 65 -6.22 -3.91 -6.20
N ALA B 66 -7.34 -4.42 -5.65
CA ALA B 66 -7.61 -5.85 -5.65
C ALA B 66 -8.38 -6.19 -6.93
N TRP B 67 -7.93 -7.22 -7.63
CA TRP B 67 -8.41 -7.52 -8.98
C TRP B 67 -9.69 -8.34 -8.98
N LYS B 68 -10.64 -7.89 -8.17
CA LYS B 68 -11.99 -8.45 -8.10
C LYS B 68 -12.93 -7.30 -8.40
N ASN B 73 -12.53 -12.11 -11.17
CA ASN B 73 -11.67 -12.14 -10.00
C ASN B 73 -10.39 -12.89 -10.30
N ALA B 74 -9.27 -12.17 -10.27
CA ALA B 74 -7.96 -12.74 -10.51
C ALA B 74 -7.28 -13.17 -9.21
N HIS B 75 -7.95 -13.02 -8.07
CA HIS B 75 -7.42 -13.47 -6.78
C HIS B 75 -6.02 -12.94 -6.54
N SER B 76 -5.91 -11.63 -6.62
CA SER B 76 -4.63 -10.95 -6.57
C SER B 76 -4.85 -9.47 -6.30
N ALA B 77 -3.79 -8.77 -5.92
CA ALA B 77 -3.86 -7.34 -5.63
C ALA B 77 -2.53 -6.72 -5.93
N THR B 78 -2.53 -5.52 -6.49
CA THR B 78 -1.31 -4.76 -6.76
C THR B 78 -1.27 -3.53 -5.89
N THR B 79 -0.08 -3.26 -5.34
CA THR B 79 0.18 -1.99 -4.69
C THR B 79 1.22 -1.23 -5.50
N TRP B 80 0.96 0.05 -5.75
CA TRP B 80 1.91 0.96 -6.35
C TRP B 80 2.40 1.92 -5.26
N SER B 81 3.71 2.10 -5.22
CA SER B 81 4.38 3.00 -4.29
C SER B 81 5.23 3.97 -5.10
N GLY B 82 5.09 5.28 -4.87
CA GLY B 82 5.88 6.18 -5.68
C GLY B 82 5.68 7.61 -5.30
N GLN B 83 5.95 8.48 -6.26
CA GLN B 83 5.79 9.92 -6.03
C GLN B 83 5.27 10.62 -7.26
N TYR B 84 4.43 11.61 -6.98
CA TYR B 84 3.94 12.55 -7.98
C TYR B 84 4.95 13.68 -8.15
N VAL B 85 5.23 13.99 -9.41
CA VAL B 85 6.09 15.11 -9.80
C VAL B 85 5.29 16.03 -10.73
N GLY B 86 5.13 17.29 -10.33
CA GLY B 86 4.28 18.22 -11.05
C GLY B 86 4.92 18.88 -12.27
N GLY B 87 4.24 19.89 -12.81
CA GLY B 87 4.77 20.67 -13.92
C GLY B 87 4.22 20.30 -15.28
N ALA B 88 4.82 20.85 -16.32
CA ALA B 88 4.34 20.68 -17.70
C ALA B 88 4.36 19.22 -18.16
N GLU B 89 5.32 18.47 -17.64
CA GLU B 89 5.47 17.05 -17.93
C GLU B 89 5.26 16.25 -16.65
N ALA B 90 4.08 16.44 -16.04
CA ALA B 90 3.78 15.81 -14.77
C ALA B 90 3.83 14.30 -14.87
N ARG B 91 4.25 13.64 -13.78
CA ARG B 91 4.39 12.20 -13.76
C ARG B 91 4.02 11.65 -12.40
N ILE B 92 3.57 10.41 -12.37
CA ILE B 92 3.60 9.63 -11.13
C ILE B 92 4.54 8.46 -11.42
N ASN B 93 5.69 8.46 -10.74
CA ASN B 93 6.72 7.44 -10.91
C ASN B 93 6.57 6.40 -9.82
N THR B 94 6.43 5.14 -10.19
CA THR B 94 6.09 4.11 -9.22
C THR B 94 6.84 2.82 -9.44
N GLN B 95 6.80 2.02 -8.39
N GLN B 95 7.15 2.13 -8.03
CA GLN B 95 7.15 0.61 -8.46
CA GLN B 95 7.40 0.70 -8.00
C GLN B 95 6.01 -0.14 -7.82
C GLN B 95 6.08 0.04 -7.64
N TRP B 96 5.78 -1.36 -8.26
CA TRP B 96 4.61 -2.05 -7.82
C TRP B 96 4.96 -3.46 -7.39
N LEU B 97 4.09 -4.00 -6.54
CA LEU B 97 4.10 -5.39 -6.09
C LEU B 97 2.74 -5.96 -6.40
N LEU B 98 2.72 -7.14 -7.03
CA LEU B 98 1.49 -7.83 -7.38
C LEU B 98 1.50 -9.17 -6.66
N THR B 99 0.67 -9.32 -5.64
CA THR B 99 0.58 -10.56 -4.90
C THR B 99 -0.66 -11.32 -5.29
N SER B 100 -0.48 -12.60 -5.59
CA SER B 100 -1.57 -13.53 -5.84
C SER B 100 -1.87 -14.36 -4.60
N GLY B 101 -3.15 -14.69 -4.41
CA GLY B 101 -3.52 -15.70 -3.44
C GLY B 101 -3.00 -17.05 -3.90
N THR B 102 -2.26 -17.75 -3.03
CA THR B 102 -1.68 -19.04 -3.41
C THR B 102 -1.81 -20.04 -2.27
N THR B 103 -1.54 -21.31 -2.55
CA THR B 103 -1.33 -22.28 -1.47
C THR B 103 -0.09 -21.90 -0.66
N GLU B 104 0.05 -22.47 0.53
CA GLU B 104 1.24 -22.19 1.34
C GLU B 104 2.51 -22.66 0.62
N ALA B 105 2.42 -23.78 -0.08
CA ALA B 105 3.54 -24.33 -0.85
C ALA B 105 4.04 -23.35 -1.91
N ASN B 106 3.14 -22.55 -2.48
CA ASN B 106 3.51 -21.60 -3.51
C ASN B 106 3.66 -20.16 -3.02
N ALA B 107 3.51 -19.94 -1.72
CA ALA B 107 3.55 -18.57 -1.21
C ALA B 107 4.87 -17.87 -1.48
N TRP B 108 5.96 -18.63 -1.50
CA TRP B 108 7.27 -18.04 -1.72
C TRP B 108 7.33 -17.30 -3.06
N LYS B 109 6.53 -17.75 -4.03
CA LYS B 109 6.52 -17.18 -5.38
C LYS B 109 5.23 -16.42 -5.66
N SER B 110 4.63 -15.86 -4.63
CA SER B 110 3.36 -15.18 -4.80
C SER B 110 3.42 -13.72 -5.17
N THR B 111 4.61 -13.10 -5.23
CA THR B 111 4.69 -11.66 -5.45
C THR B 111 5.64 -11.31 -6.59
N LEU B 112 5.07 -10.65 -7.59
CA LEU B 112 5.80 -10.07 -8.73
C LEU B 112 6.12 -8.62 -8.43
N VAL B 113 7.19 -8.13 -9.04
CA VAL B 113 7.60 -6.74 -8.89
C VAL B 113 7.83 -6.10 -10.24
N GLY B 114 7.57 -4.80 -10.32
CA GLY B 114 7.82 -4.07 -11.54
C GLY B 114 7.74 -2.58 -11.30
N HIS B 115 7.71 -1.83 -12.38
CA HIS B 115 7.57 -0.38 -12.30
C HIS B 115 6.51 0.13 -13.28
N ASP B 116 5.98 1.30 -12.98
CA ASP B 116 5.04 1.98 -13.88
C ASP B 116 5.30 3.46 -13.82
N THR B 117 5.28 4.08 -15.01
CA THR B 117 5.32 5.54 -15.10
C THR B 117 3.97 6.02 -15.63
N PHE B 118 3.33 6.90 -14.86
CA PHE B 118 2.05 7.46 -15.25
C PHE B 118 2.24 8.90 -15.72
N THR B 119 1.55 9.25 -16.80
N THR B 119 1.35 9.01 -17.08
CA THR B 119 1.55 10.61 -17.35
CA THR B 119 1.34 10.31 -17.69
C THR B 119 0.11 11.09 -17.59
C THR B 119 -0.10 10.74 -17.84
N LYS B 120 -0.09 12.38 -17.79
CA LYS B 120 -1.45 12.93 -18.03
C LYS B 120 -1.98 12.74 -19.47
N VAL B 121 -1.13 12.30 -20.40
CA VAL B 121 -1.55 11.97 -21.77
C VAL B 121 -1.18 10.53 -22.15
N LYS B 122 -1.88 9.95 -23.13
CA LYS B 122 -1.67 8.56 -23.52
C LYS B 122 -0.30 8.29 -24.16
N FME C 1 8.98 -3.15 8.24
CN FME C 1 10.00 -4.08 8.29
O1 FME C 1 11.16 -3.77 8.43
CA FME C 1 9.30 -1.74 8.43
CB FME C 1 8.24 -0.87 7.74
CG FME C 1 8.50 0.61 7.97
SD FME C 1 7.26 1.63 7.20
CE FME C 1 7.83 3.22 7.72
C FME C 1 9.33 -1.43 9.91
O FME C 1 8.38 -1.72 10.64
N ASP C 2 10.42 -0.82 10.38
CA ASP C 2 10.51 -0.38 11.78
C ASP C 2 9.90 1.00 11.82
N VAL C 3 8.58 1.06 11.95
CA VAL C 3 7.85 2.32 11.83
C VAL C 3 8.31 3.30 12.92
N GLU C 4 8.47 2.81 14.15
CA GLU C 4 8.85 3.69 15.25
C GLU C 4 10.21 4.35 14.96
N ALA C 5 11.12 3.61 14.32
CA ALA C 5 12.43 4.15 13.96
C ALA C 5 12.40 5.14 12.81
N TRP C 6 11.45 4.96 11.90
CA TRP C 6 11.33 5.84 10.74
C TRP C 6 10.78 7.21 11.10
N LEU C 7 9.80 7.22 11.99
CA LEU C 7 9.10 8.44 12.32
C LEU C 7 9.91 9.35 13.26
N FME D 1 2.52 -2.48 -14.81
CN FME D 1 3.66 -2.59 -15.56
O1 FME D 1 4.58 -1.94 -15.38
CA FME D 1 1.68 -3.68 -14.83
CB FME D 1 0.87 -3.78 -13.53
CG FME D 1 -0.20 -4.87 -13.64
SD FME D 1 -1.18 -4.97 -12.18
CE FME D 1 -2.21 -6.36 -12.56
C FME D 1 0.81 -3.64 -16.07
O FME D 1 0.15 -2.62 -16.35
N ASP D 2 0.82 -4.71 -16.84
CA ASP D 2 -0.07 -4.86 -17.99
C ASP D 2 -1.39 -5.47 -17.50
N VAL D 3 -2.29 -4.59 -17.09
CA VAL D 3 -3.52 -5.00 -16.41
C VAL D 3 -4.42 -5.89 -17.29
N GLU D 4 -4.63 -5.47 -18.55
CA GLU D 4 -5.52 -6.20 -19.45
C GLU D 4 -5.04 -7.63 -19.70
N ALA D 5 -3.72 -7.81 -19.75
CA ALA D 5 -3.12 -9.12 -19.95
C ALA D 5 -3.24 -10.00 -18.70
N TRP D 6 -3.18 -9.37 -17.52
CA TRP D 6 -3.29 -10.08 -16.25
C TRP D 6 -4.70 -10.63 -15.99
N LEU D 7 -5.70 -9.82 -16.29
CA LEU D 7 -7.09 -10.17 -16.00
C LEU D 7 -7.67 -11.17 -17.00
S SO4 E . -16.93 -2.27 2.05
O1 SO4 E . -16.56 -1.70 3.34
O2 SO4 E . -18.21 -2.96 2.18
O3 SO4 E . -15.91 -3.22 1.60
O4 SO4 E . -17.04 -1.18 1.08
C1 GOL F . 6.23 -14.63 0.73
O1 GOL F . 5.60 -14.54 2.00
C2 GOL F . 5.90 -13.39 -0.09
O2 GOL F . 6.14 -12.19 0.61
C3 GOL F . 6.56 -13.43 -1.46
O3 GOL F . 7.95 -13.18 -1.33
S SO4 G . -10.07 13.26 2.56
O1 SO4 G . -10.95 12.88 1.46
O2 SO4 G . -10.33 12.44 3.73
O3 SO4 G . -10.28 14.67 2.90
O4 SO4 G . -8.67 13.08 2.19
#